data_7I28
#
_entry.id   7I28
#
_cell.length_a   82.558
_cell.length_b   117.169
_cell.length_c   148.292
_cell.angle_alpha   90.00
_cell.angle_beta   90.00
_cell.angle_gamma   90.00
#
_symmetry.space_group_name_H-M   'I 2 2 2'
#
loop_
_entity.id
_entity.type
_entity.pdbx_description
1 polymer 'NS5 RNA-dependent RNA polymerase'
2 non-polymer 'ZINC ION'
3 non-polymer '2-(N-MORPHOLINO)-ETHANESULFONIC ACID'
4 non-polymer 'DIMETHYL SULFOXIDE'
5 non-polymer DI(HYDROXYETHYL)ETHER
6 non-polymer 'PHOSPHATE ION'
7 non-polymer 2-chloro-N-methylbenzene-1-sulfonamide
8 non-polymer 'CHLORIDE ION'
9 water water
#
_entity_poly.entity_id   1
_entity_poly.type   'polypeptide(L)'
_entity_poly.pdbx_seq_one_letter_code
;GPGIESETPNLDIIGKRIEKIKQEHETSWHYDQDHPYKTWAYHGSYETKQTGSASSMVNGVVRLLTKPWDIIPMVTQMAM
TDTTPFGQQRVFKEKVDTRTQEPKEGTKKLMKITAEWLWKELGKKKTPRMCTREEFTRKVRSNAALGAIFTDENKWKSAR
EAVEDSGFWELVDKERNLHLEGKCETCVYNMMGKREKKLGEFGKAKGSRAIWYMWLGARFLEFEALGFLNEDHWFSRENS
LSGVEGEGLHKLGYILRDVSKKEGGAMYADDTAGWDTRITLEDLKNEEMVTNHMEGEHKKLAEAIFKLTYQNKVVRVQRP
TPRGTVMDIISRRDQRGSGQVVTYGLNTFTNMEAQLIRQMEGEGVFKSIQHLTVTEEIAVKNWLVRVGRERLSRMAISGD
DCVVKPLDDRFASALTALNDMGKVRKDIQQWEPSRGWNDWTQVPFCSHHFHELIMKDGRVLVVPCRNQDELIGRARISQG
AGWSLRETACLGKSYAQMWSLMYFHRRDLRLAANAICSAVPSHWVPTSRTTWSIHATHEWMTTEDMLTVWNRVWIQENPW
MEDKTPVESWEEIPYLGKREDQWCGSLIGLTSRATWAKNIQTAINQVRSLIGNEEYTDYMPSMKRFRREEEEAGVLW
;
_entity_poly.pdbx_strand_id   A
#
# COMPACT_ATOMS: atom_id res chain seq x y z
N ASN A 10 12.29 -28.24 8.44
CA ASN A 10 10.85 -28.58 8.66
C ASN A 10 10.60 -28.62 10.18
N LEU A 11 10.26 -29.78 10.75
CA LEU A 11 9.79 -29.94 12.15
C LEU A 11 10.87 -29.48 13.14
N ASP A 12 12.14 -29.53 12.74
CA ASP A 12 13.27 -28.96 13.52
C ASP A 12 12.97 -27.47 13.79
N ILE A 13 12.54 -26.73 12.76
CA ILE A 13 12.40 -25.25 12.77
C ILE A 13 11.02 -24.86 13.34
N ILE A 14 9.95 -25.52 12.91
CA ILE A 14 8.53 -25.12 13.19
C ILE A 14 7.95 -25.92 14.37
N GLY A 15 8.63 -27.01 14.78
CA GLY A 15 8.12 -27.97 15.78
C GLY A 15 7.78 -27.30 17.11
N LYS A 16 8.76 -26.65 17.73
CA LYS A 16 8.65 -26.04 19.09
C LYS A 16 7.41 -25.12 19.15
N ARG A 17 7.21 -24.32 18.09
CA ARG A 17 6.04 -23.40 17.95
C ARG A 17 4.74 -24.20 18.03
N ILE A 18 4.66 -25.31 17.29
CA ILE A 18 3.46 -26.21 17.26
C ILE A 18 3.36 -26.90 18.63
N GLU A 19 4.47 -27.52 19.08
CA GLU A 19 4.56 -28.30 20.35
C GLU A 19 4.11 -27.42 21.53
N LYS A 20 4.49 -26.14 21.53
CA LYS A 20 4.12 -25.16 22.59
C LYS A 20 2.61 -24.90 22.56
N ILE A 21 2.02 -24.80 21.36
CA ILE A 21 0.56 -24.57 21.15
C ILE A 21 -0.21 -25.83 21.56
N LYS A 22 0.31 -27.01 21.20
CA LYS A 22 -0.28 -28.34 21.52
C LYS A 22 -0.41 -28.48 23.05
N GLN A 23 0.66 -28.15 23.79
CA GLN A 23 0.73 -28.23 25.27
C GLN A 23 -0.38 -27.39 25.91
N GLU A 24 -0.58 -26.16 25.42
CA GLU A 24 -1.52 -25.17 26.01
C GLU A 24 -2.98 -25.58 25.74
N HIS A 25 -3.22 -26.43 24.75
CA HIS A 25 -4.55 -27.00 24.40
C HIS A 25 -4.46 -28.52 24.34
N GLU A 26 -3.82 -29.15 25.33
CA GLU A 26 -3.56 -30.62 25.41
C GLU A 26 -4.88 -31.37 25.60
N THR A 27 -5.88 -30.73 26.22
CA THR A 27 -7.20 -31.33 26.58
C THR A 27 -8.16 -31.32 25.37
N SER A 28 -7.80 -30.65 24.26
CA SER A 28 -8.67 -30.48 23.06
C SER A 28 -7.90 -30.70 21.74
N TRP A 29 -6.72 -31.32 21.78
CA TRP A 29 -5.85 -31.52 20.59
C TRP A 29 -6.30 -32.75 19.80
N HIS A 30 -6.95 -32.55 18.66
CA HIS A 30 -7.50 -33.63 17.78
C HIS A 30 -7.01 -33.45 16.34
N TYR A 31 -6.43 -34.50 15.76
CA TYR A 31 -6.03 -34.60 14.33
C TYR A 31 -7.30 -34.81 13.50
N ASP A 32 -7.85 -33.74 12.94
CA ASP A 32 -9.08 -33.75 12.09
C ASP A 32 -8.74 -34.40 10.74
N GLN A 33 -9.35 -35.55 10.44
CA GLN A 33 -9.09 -36.37 9.22
C GLN A 33 -9.82 -35.76 8.02
N ASP A 34 -10.80 -34.87 8.26
CA ASP A 34 -11.63 -34.22 7.22
C ASP A 34 -11.15 -32.77 7.01
N HIS A 35 -9.84 -32.53 7.10
CA HIS A 35 -9.23 -31.17 7.02
C HIS A 35 -9.19 -30.72 5.55
N PRO A 36 -9.55 -29.46 5.24
CA PRO A 36 -9.66 -29.01 3.84
C PRO A 36 -8.34 -28.70 3.11
N TYR A 37 -7.19 -28.71 3.81
CA TYR A 37 -5.89 -28.27 3.22
C TYR A 37 -5.36 -29.31 2.25
N LYS A 38 -4.86 -28.81 1.11
CA LYS A 38 -4.09 -29.59 0.11
C LYS A 38 -2.65 -29.10 0.02
N THR A 39 -2.41 -27.79 -0.10
CA THR A 39 -1.05 -27.22 -0.36
C THR A 39 -0.39 -26.73 0.93
N TRP A 40 -1.17 -26.43 1.97
CA TRP A 40 -0.70 -26.22 3.36
C TRP A 40 -0.50 -27.56 4.06
N ALA A 41 0.50 -27.64 4.93
CA ALA A 41 0.70 -28.87 5.75
C ALA A 41 -0.12 -28.72 7.04
N TYR A 42 -1.00 -29.67 7.31
CA TYR A 42 -1.83 -29.63 8.54
C TYR A 42 -1.04 -30.29 9.66
N HIS A 43 -1.28 -29.87 10.90
CA HIS A 43 -0.54 -30.43 12.06
C HIS A 43 -1.54 -30.88 13.12
N GLY A 44 -2.55 -30.07 13.39
CA GLY A 44 -3.53 -30.43 14.43
C GLY A 44 -4.62 -29.38 14.58
N SER A 45 -5.62 -29.67 15.41
CA SER A 45 -6.76 -28.75 15.62
C SER A 45 -7.14 -28.76 17.10
N TYR A 46 -7.58 -27.62 17.64
CA TYR A 46 -7.99 -27.43 19.05
C TYR A 46 -9.24 -26.53 19.13
N GLU A 47 -10.07 -26.77 20.14
CA GLU A 47 -11.37 -26.09 20.38
C GLU A 47 -11.14 -24.59 20.61
N THR A 48 -11.96 -23.73 20.00
CA THR A 48 -11.91 -22.25 20.13
C THR A 48 -13.30 -21.67 19.88
N ALA A 54 -16.93 -7.81 12.98
CA ALA A 54 -15.98 -6.82 12.42
C ALA A 54 -16.44 -6.39 11.02
N SER A 55 -17.52 -5.62 10.94
CA SER A 55 -18.14 -5.12 9.69
C SER A 55 -17.86 -3.61 9.52
N SER A 56 -18.10 -3.08 8.32
CA SER A 56 -18.03 -1.63 8.02
C SER A 56 -19.19 -0.92 8.73
N MET A 57 -18.90 0.23 9.37
CA MET A 57 -19.89 1.09 10.07
C MET A 57 -19.99 2.44 9.34
N VAL A 58 -21.21 2.97 9.18
CA VAL A 58 -21.38 4.22 8.42
C VAL A 58 -20.96 5.44 9.27
N ASN A 59 -20.19 6.37 8.66
CA ASN A 59 -19.89 7.72 9.17
C ASN A 59 -21.10 8.63 8.90
N GLY A 60 -21.84 8.86 9.94
CA GLY A 60 -23.03 9.71 9.90
C GLY A 60 -22.80 11.16 9.55
N VAL A 61 -21.70 11.72 9.97
CA VAL A 61 -21.43 13.14 9.60
C VAL A 61 -21.31 13.18 8.07
N VAL A 62 -20.49 12.33 7.46
CA VAL A 62 -20.27 12.38 5.98
C VAL A 62 -21.58 12.01 5.26
N ARG A 63 -22.33 11.04 5.74
CA ARG A 63 -23.55 10.63 5.02
C ARG A 63 -24.56 11.79 5.03
N LEU A 64 -24.79 12.45 6.15
CA LEU A 64 -25.81 13.54 6.17
C LEU A 64 -25.41 14.66 5.21
N LEU A 65 -24.13 14.85 4.93
CA LEU A 65 -23.69 15.97 4.01
C LEU A 65 -23.50 15.50 2.55
N THR A 66 -23.82 14.24 2.26
CA THR A 66 -23.75 13.69 0.90
C THR A 66 -25.12 13.04 0.52
N LYS A 67 -26.21 13.72 0.75
CA LYS A 67 -27.56 13.14 0.56
C LYS A 67 -27.77 12.59 -0.87
N PRO A 68 -27.36 13.25 -1.96
CA PRO A 68 -27.71 12.77 -3.31
C PRO A 68 -27.23 11.33 -3.53
N TRP A 69 -26.14 10.94 -2.81
CA TRP A 69 -25.50 9.64 -2.99
C TRP A 69 -26.23 8.54 -2.23
N ASP A 70 -27.26 8.90 -1.43
CA ASP A 70 -28.05 7.94 -0.62
C ASP A 70 -28.85 6.99 -1.53
N ILE A 71 -28.96 7.31 -2.83
CA ILE A 71 -29.77 6.56 -3.83
C ILE A 71 -28.85 5.87 -4.86
N ILE A 72 -27.55 6.12 -4.83
CA ILE A 72 -26.58 5.62 -5.85
C ILE A 72 -26.07 4.25 -5.40
N PRO A 73 -26.40 3.17 -6.15
CA PRO A 73 -26.01 1.81 -5.75
C PRO A 73 -24.53 1.64 -5.36
N MET A 74 -23.61 2.04 -6.24
CA MET A 74 -22.15 1.80 -6.04
C MET A 74 -21.77 2.24 -4.63
N VAL A 75 -22.15 3.47 -4.25
CA VAL A 75 -21.81 4.12 -2.96
C VAL A 75 -22.48 3.37 -1.80
N THR A 76 -23.80 3.18 -1.85
CA THR A 76 -24.59 2.55 -0.76
C THR A 76 -24.04 1.16 -0.47
N GLN A 77 -23.79 0.37 -1.52
CA GLN A 77 -23.50 -1.08 -1.42
C GLN A 77 -22.08 -1.29 -0.90
N MET A 78 -21.21 -0.27 -0.97
CA MET A 78 -19.84 -0.36 -0.38
C MET A 78 -19.92 -0.52 1.13
N ALA A 79 -20.96 -0.06 1.82
CA ALA A 79 -21.03 -0.12 3.31
C ALA A 79 -21.65 -1.45 3.74
N MET A 80 -22.14 -2.26 2.83
CA MET A 80 -22.83 -3.55 3.18
C MET A 80 -21.84 -4.75 3.24
N THR A 81 -22.23 -5.86 3.88
CA THR A 81 -21.56 -7.18 3.80
C THR A 81 -21.31 -7.81 5.16
N GLU A 94 -10.01 -17.75 -1.36
CA GLU A 94 -9.62 -19.19 -1.26
C GLU A 94 -8.40 -19.45 -2.14
N LYS A 95 -7.62 -18.41 -2.44
CA LYS A 95 -6.42 -18.45 -3.33
C LYS A 95 -5.17 -18.84 -2.53
N VAL A 96 -5.28 -18.90 -1.19
CA VAL A 96 -4.14 -19.23 -0.29
C VAL A 96 -3.76 -20.71 -0.46
N ASP A 97 -4.75 -21.59 -0.66
CA ASP A 97 -4.52 -23.07 -0.78
C ASP A 97 -4.26 -23.44 -2.26
N THR A 98 -3.44 -22.66 -2.99
CA THR A 98 -2.80 -23.02 -4.29
C THR A 98 -1.29 -23.21 -4.06
N ARG A 99 -0.61 -23.86 -5.01
CA ARG A 99 0.86 -24.08 -5.00
C ARG A 99 1.43 -23.35 -6.21
N THR A 100 2.73 -23.08 -6.22
CA THR A 100 3.44 -22.40 -7.34
C THR A 100 4.62 -23.27 -7.76
N GLN A 101 4.60 -23.73 -9.01
CA GLN A 101 5.65 -24.60 -9.59
C GLN A 101 7.01 -23.90 -9.45
N GLU A 102 8.10 -24.67 -9.31
CA GLU A 102 9.49 -24.15 -9.24
C GLU A 102 9.92 -23.65 -10.62
N PRO A 103 10.49 -22.43 -10.71
CA PRO A 103 10.96 -21.92 -11.98
C PRO A 103 12.02 -22.85 -12.56
N LYS A 104 12.27 -22.73 -13.87
CA LYS A 104 13.33 -23.44 -14.63
C LYS A 104 14.70 -22.90 -14.21
N GLU A 105 15.77 -23.56 -14.66
CA GLU A 105 17.17 -23.26 -14.29
C GLU A 105 17.56 -21.89 -14.82
N GLY A 106 17.26 -21.61 -16.09
CA GLY A 106 17.51 -20.30 -16.73
C GLY A 106 16.82 -19.17 -15.91
N THR A 107 15.56 -19.32 -15.54
CA THR A 107 14.80 -18.30 -14.74
C THR A 107 15.48 -18.03 -13.39
N LYS A 108 15.76 -19.09 -12.63
CA LYS A 108 16.40 -19.04 -11.29
C LYS A 108 17.76 -18.33 -11.36
N LYS A 109 18.55 -18.58 -12.41
CA LYS A 109 19.84 -17.88 -12.67
C LYS A 109 19.58 -16.39 -12.93
N LEU A 110 18.59 -16.07 -13.78
CA LEU A 110 18.24 -14.64 -14.15
C LEU A 110 17.87 -13.88 -12.87
N MET A 111 17.05 -14.50 -12.05
CA MET A 111 16.57 -13.88 -10.80
C MET A 111 17.74 -13.63 -9.82
N LYS A 112 18.62 -14.62 -9.64
CA LYS A 112 19.73 -14.58 -8.66
C LYS A 112 20.70 -13.45 -9.04
N ILE A 113 21.10 -13.39 -10.31
CA ILE A 113 21.99 -12.34 -10.87
C ILE A 113 21.35 -10.96 -10.70
N THR A 114 20.07 -10.83 -11.05
CA THR A 114 19.32 -9.56 -10.98
C THR A 114 19.18 -9.12 -9.52
N ALA A 115 18.80 -10.02 -8.63
CA ALA A 115 18.66 -9.73 -7.19
C ALA A 115 19.99 -9.28 -6.57
N GLU A 116 21.08 -10.00 -6.87
CA GLU A 116 22.47 -9.64 -6.44
C GLU A 116 22.73 -8.19 -6.82
N TRP A 117 22.53 -7.86 -8.10
CA TRP A 117 22.84 -6.54 -8.64
C TRP A 117 21.93 -5.47 -7.98
N LEU A 118 20.66 -5.80 -7.73
CA LEU A 118 19.67 -4.81 -7.27
C LEU A 118 19.94 -4.46 -5.80
N TRP A 119 20.23 -5.46 -4.95
CA TRP A 119 20.64 -5.19 -3.52
C TRP A 119 21.90 -4.32 -3.45
N LYS A 120 22.89 -4.57 -4.32
CA LYS A 120 24.08 -3.70 -4.40
C LYS A 120 23.70 -2.28 -4.77
N GLU A 121 22.86 -2.08 -5.79
CA GLU A 121 22.58 -0.71 -6.28
C GLU A 121 21.79 0.04 -5.22
N LEU A 122 20.90 -0.67 -4.53
CA LEU A 122 20.05 -0.04 -3.47
C LEU A 122 20.95 0.31 -2.28
N GLY A 123 21.81 -0.64 -1.88
CA GLY A 123 22.67 -0.54 -0.68
C GLY A 123 23.95 0.25 -0.90
N LYS A 124 24.16 0.85 -2.09
CA LYS A 124 25.33 1.70 -2.41
C LYS A 124 25.31 2.99 -1.56
N LYS A 125 24.15 3.64 -1.42
CA LYS A 125 24.03 4.95 -0.70
C LYS A 125 23.35 4.76 0.66
N LYS A 126 23.09 3.52 1.08
CA LYS A 126 22.32 3.22 2.31
C LYS A 126 23.03 2.13 3.10
N THR A 127 23.13 2.30 4.42
CA THR A 127 23.76 1.31 5.34
C THR A 127 22.66 0.63 6.16
N PRO A 128 22.51 -0.70 6.02
CA PRO A 128 21.60 -1.47 6.82
C PRO A 128 21.95 -1.31 8.32
N ARG A 129 20.92 -1.23 9.16
CA ARG A 129 21.06 -1.05 10.63
C ARG A 129 19.85 -1.68 11.32
N MET A 130 19.95 -1.91 12.63
CA MET A 130 18.83 -2.36 13.46
C MET A 130 17.98 -1.18 13.84
N CYS A 131 16.67 -1.39 13.89
CA CYS A 131 15.74 -0.40 14.42
C CYS A 131 15.59 -0.68 15.93
N THR A 132 15.21 0.33 16.72
CA THR A 132 15.40 0.27 18.20
C THR A 132 14.07 0.11 18.90
N ARG A 133 14.09 -0.39 20.14
CA ARG A 133 12.91 -0.39 21.06
C ARG A 133 12.30 1.01 21.08
N GLU A 134 13.14 2.04 21.15
CA GLU A 134 12.69 3.45 21.26
C GLU A 134 11.94 3.83 19.99
N GLU A 135 12.46 3.48 18.81
CA GLU A 135 11.75 3.74 17.52
C GLU A 135 10.40 3.00 17.49
N PHE A 136 10.40 1.73 17.93
CA PHE A 136 9.21 0.85 17.93
C PHE A 136 8.12 1.43 18.83
N THR A 137 8.49 1.81 20.06
CA THR A 137 7.56 2.37 21.09
C THR A 137 6.94 3.67 20.56
N ARG A 138 7.72 4.48 19.84
CA ARG A 138 7.22 5.75 19.25
C ARG A 138 6.11 5.44 18.23
N LYS A 139 6.23 4.31 17.52
CA LYS A 139 5.24 3.86 16.51
C LYS A 139 3.94 3.42 17.22
N VAL A 140 4.03 2.79 18.40
CA VAL A 140 2.85 2.27 19.15
C VAL A 140 2.17 3.44 19.87
N ARG A 141 2.95 4.40 20.38
CA ARG A 141 2.42 5.61 21.09
C ARG A 141 1.74 6.55 20.09
N SER A 142 2.16 6.53 18.82
CA SER A 142 1.61 7.36 17.71
C SER A 142 0.53 6.57 16.96
N ASN A 143 0.19 5.36 17.42
CA ASN A 143 -0.93 4.51 16.90
C ASN A 143 -0.69 4.18 15.42
N ALA A 144 0.45 3.53 15.11
CA ALA A 144 0.78 3.00 13.77
C ALA A 144 0.30 1.54 13.69
N ALA A 145 -0.15 1.11 12.51
CA ALA A 145 -0.62 -0.27 12.22
C ALA A 145 0.60 -1.20 12.11
N LEU A 146 0.77 -2.10 13.08
CA LEU A 146 1.89 -3.08 13.17
C LEU A 146 1.38 -4.50 12.87
N GLY A 147 0.09 -4.75 13.04
CA GLY A 147 -0.54 -6.08 12.84
C GLY A 147 -0.35 -6.97 14.05
N ALA A 148 -0.59 -6.42 15.25
CA ALA A 148 -0.49 -7.11 16.55
C ALA A 148 -1.77 -7.90 16.84
N ILE A 149 -1.78 -8.69 17.92
CA ILE A 149 -2.94 -9.51 18.38
C ILE A 149 -3.20 -9.23 19.87
N TRP A 156 -2.07 -7.28 28.68
CA TRP A 156 -2.03 -6.14 27.72
C TRP A 156 -3.13 -6.31 26.67
N LYS A 157 -4.17 -5.46 26.74
CA LYS A 157 -5.27 -5.39 25.74
C LYS A 157 -4.88 -4.42 24.62
N SER A 158 -3.84 -3.60 24.85
CA SER A 158 -3.32 -2.57 23.91
C SER A 158 -1.79 -2.69 23.78
N ALA A 159 -1.25 -2.23 22.64
CA ALA A 159 0.19 -2.17 22.34
C ALA A 159 0.91 -1.26 23.35
N ARG A 160 0.29 -0.11 23.68
CA ARG A 160 0.84 0.89 24.63
C ARG A 160 1.19 0.23 25.97
N GLU A 161 0.32 -0.66 26.47
CA GLU A 161 0.45 -1.30 27.81
C GLU A 161 1.62 -2.29 27.82
N ALA A 162 1.89 -2.96 26.68
CA ALA A 162 2.93 -3.99 26.52
C ALA A 162 4.32 -3.33 26.50
N VAL A 163 4.49 -2.23 25.76
CA VAL A 163 5.80 -1.53 25.57
C VAL A 163 6.17 -0.78 26.84
N GLU A 164 5.22 -0.57 27.76
CA GLU A 164 5.44 0.09 29.08
C GLU A 164 5.77 -0.97 30.15
N ASP A 165 5.43 -2.25 29.90
CA ASP A 165 5.67 -3.39 30.83
C ASP A 165 6.99 -4.08 30.49
N SER A 166 7.95 -3.99 31.41
CA SER A 166 9.32 -4.57 31.30
C SER A 166 9.27 -6.09 31.17
N GLY A 167 8.18 -6.73 31.61
CA GLY A 167 7.96 -8.18 31.50
C GLY A 167 8.01 -8.62 30.05
N PHE A 168 7.20 -7.97 29.19
CA PHE A 168 7.17 -8.17 27.71
C PHE A 168 8.59 -8.25 27.15
N TRP A 169 9.40 -7.21 27.39
CA TRP A 169 10.77 -7.08 26.83
C TRP A 169 11.63 -8.28 27.28
N GLU A 170 11.29 -8.92 28.41
CA GLU A 170 11.94 -10.18 28.88
C GLU A 170 11.51 -11.33 27.95
N LEU A 171 10.23 -11.35 27.57
CA LEU A 171 9.66 -12.33 26.60
C LEU A 171 10.36 -12.13 25.25
N VAL A 172 10.40 -10.89 24.76
CA VAL A 172 11.12 -10.47 23.52
C VAL A 172 12.55 -11.00 23.59
N ASP A 173 13.31 -10.65 24.64
CA ASP A 173 14.72 -11.06 24.78
C ASP A 173 14.83 -12.59 24.81
N LYS A 174 13.85 -13.29 25.38
CA LYS A 174 13.92 -14.79 25.37
C LYS A 174 13.92 -15.24 23.91
N GLU A 175 12.97 -14.75 23.11
CA GLU A 175 12.84 -15.13 21.67
C GLU A 175 14.10 -14.70 20.93
N ARG A 176 14.53 -13.46 21.19
CA ARG A 176 15.73 -12.84 20.56
C ARG A 176 16.91 -13.80 20.69
N ASN A 177 17.20 -14.28 21.92
CA ASN A 177 18.35 -15.19 22.17
C ASN A 177 18.07 -16.52 21.46
N LEU A 178 16.82 -16.97 21.42
CA LEU A 178 16.41 -18.14 20.59
C LEU A 178 16.76 -17.90 19.12
N HIS A 179 16.45 -16.73 18.56
CA HIS A 179 16.83 -16.39 17.14
C HIS A 179 18.36 -16.38 16.95
N LEU A 180 19.15 -15.86 17.91
CA LEU A 180 20.65 -15.86 17.82
C LEU A 180 21.16 -17.32 17.86
N GLU A 181 20.42 -18.22 18.51
CA GLU A 181 20.63 -19.69 18.56
C GLU A 181 20.16 -20.37 17.27
N GLY A 182 19.42 -19.64 16.42
CA GLY A 182 18.87 -20.17 15.15
C GLY A 182 17.56 -20.93 15.33
N LYS A 183 16.82 -20.64 16.40
CA LYS A 183 15.57 -21.36 16.77
C LYS A 183 14.46 -20.35 17.04
N CYS A 184 13.21 -20.83 17.07
CA CYS A 184 12.02 -19.95 17.22
C CYS A 184 10.96 -20.65 18.09
N GLU A 185 10.18 -19.89 18.87
CA GLU A 185 9.18 -20.50 19.79
C GLU A 185 7.79 -19.85 19.77
N THR A 186 7.71 -18.54 19.52
CA THR A 186 6.46 -17.75 19.71
C THR A 186 6.12 -16.89 18.48
N CYS A 187 6.84 -17.03 17.36
CA CYS A 187 6.55 -16.27 16.10
C CYS A 187 5.66 -17.12 15.18
N VAL A 188 4.35 -17.08 15.44
CA VAL A 188 3.28 -17.81 14.69
C VAL A 188 2.25 -16.79 14.19
N TYR A 189 1.84 -16.90 12.92
CA TYR A 189 0.89 -15.96 12.25
C TYR A 189 -0.56 -16.37 12.59
N ASN A 190 -1.47 -15.39 12.54
CA ASN A 190 -2.91 -15.53 12.93
C ASN A 190 -3.79 -15.00 11.79
N MET A 191 -4.07 -15.84 10.78
CA MET A 191 -4.91 -15.50 9.60
C MET A 191 -6.36 -15.24 10.07
N MET A 192 -6.97 -14.14 9.60
CA MET A 192 -8.36 -13.74 9.95
C MET A 192 -9.03 -13.09 8.72
N ALA A 210 -5.16 -11.60 2.60
CA ALA A 210 -5.44 -12.06 3.98
C ALA A 210 -4.37 -11.51 4.94
N ILE A 211 -4.78 -10.66 5.89
CA ILE A 211 -3.86 -10.04 6.90
C ILE A 211 -3.52 -11.10 7.95
N TRP A 212 -2.24 -11.45 8.06
CA TRP A 212 -1.70 -12.41 9.07
C TRP A 212 -1.10 -11.60 10.23
N TYR A 213 -1.82 -11.54 11.37
CA TYR A 213 -1.41 -10.81 12.59
C TYR A 213 -0.43 -11.67 13.40
N MET A 214 0.28 -11.07 14.36
CA MET A 214 1.29 -11.73 15.23
C MET A 214 1.28 -11.08 16.61
N TRP A 215 1.91 -11.71 17.61
CA TRP A 215 2.12 -11.11 18.95
C TRP A 215 3.18 -10.00 18.84
N LEU A 216 2.93 -8.85 19.48
CA LEU A 216 3.71 -7.60 19.33
C LEU A 216 5.22 -7.90 19.36
N GLY A 217 5.64 -8.83 20.21
CA GLY A 217 7.04 -9.27 20.33
C GLY A 217 7.65 -9.61 18.99
N ALA A 218 7.10 -10.63 18.31
CA ALA A 218 7.54 -11.11 16.97
C ALA A 218 7.57 -9.95 15.97
N ARG A 219 6.61 -9.03 16.07
CA ARG A 219 6.50 -7.83 15.20
C ARG A 219 7.74 -6.95 15.43
N PHE A 220 8.17 -6.82 16.68
CA PHE A 220 9.35 -6.00 17.06
C PHE A 220 10.60 -6.63 16.43
N LEU A 221 10.74 -7.94 16.56
CA LEU A 221 11.91 -8.71 16.07
C LEU A 221 12.03 -8.55 14.54
N GLU A 222 10.90 -8.54 13.83
CA GLU A 222 10.87 -8.24 12.36
C GLU A 222 11.31 -6.79 12.14
N PHE A 223 10.74 -5.84 12.91
CA PHE A 223 10.99 -4.38 12.75
C PHE A 223 12.46 -4.09 13.06
N GLU A 224 13.00 -4.74 14.08
CA GLU A 224 14.40 -4.59 14.53
C GLU A 224 15.35 -5.05 13.41
N ALA A 225 15.02 -6.15 12.73
CA ALA A 225 15.89 -6.74 11.71
C ALA A 225 15.71 -6.08 10.36
N LEU A 226 14.48 -5.67 10.01
CA LEU A 226 14.10 -5.37 8.58
C LEU A 226 13.41 -4.02 8.44
N GLY A 227 13.18 -3.30 9.56
CA GLY A 227 12.46 -2.01 9.52
C GLY A 227 13.22 -0.93 8.81
N PHE A 228 14.56 -1.05 8.77
CA PHE A 228 15.47 -0.09 8.09
C PHE A 228 15.00 0.12 6.65
N LEU A 229 14.47 -0.92 6.00
CA LEU A 229 14.00 -0.82 4.57
C LEU A 229 13.01 0.34 4.40
N ASN A 230 12.02 0.44 5.28
CA ASN A 230 11.09 1.60 5.25
C ASN A 230 11.66 2.80 6.00
N GLU A 231 12.19 2.60 7.21
CA GLU A 231 12.66 3.69 8.11
C GLU A 231 13.73 4.55 7.40
N ASP A 232 14.60 3.94 6.59
CA ASP A 232 15.71 4.62 5.87
C ASP A 232 15.35 4.80 4.39
N HIS A 233 14.10 4.55 3.98
CA HIS A 233 13.61 4.93 2.62
C HIS A 233 14.44 4.25 1.53
N TRP A 234 14.63 2.95 1.64
CA TRP A 234 15.37 2.17 0.60
C TRP A 234 14.66 2.22 -0.78
N PHE A 235 13.33 2.29 -0.77
CA PHE A 235 12.48 2.24 -1.99
C PHE A 235 11.99 3.63 -2.40
N SER A 236 12.65 4.69 -1.91
CA SER A 236 12.51 6.08 -2.43
C SER A 236 12.89 6.12 -3.91
N ARG A 237 12.33 7.05 -4.68
CA ARG A 237 12.70 7.23 -6.11
C ARG A 237 14.17 7.64 -6.23
N GLU A 238 14.74 8.31 -5.21
CA GLU A 238 16.18 8.73 -5.24
C GLU A 238 17.07 7.49 -5.15
N ASN A 239 16.84 6.61 -4.19
CA ASN A 239 17.71 5.44 -3.95
C ASN A 239 17.42 4.29 -4.93
N SER A 240 16.17 4.15 -5.42
CA SER A 240 15.66 2.96 -6.15
C SER A 240 15.44 3.25 -7.65
N LEU A 241 15.07 4.47 -8.02
CA LEU A 241 14.81 4.96 -9.41
C LEU A 241 13.41 4.54 -9.88
N SER A 242 12.99 3.31 -9.58
CA SER A 242 11.68 2.73 -9.94
C SER A 242 10.66 2.92 -8.82
N GLY A 243 11.11 3.03 -7.57
CA GLY A 243 10.19 3.11 -6.43
C GLY A 243 9.57 4.48 -6.28
N VAL A 244 8.54 4.58 -5.45
CA VAL A 244 7.82 5.86 -5.18
C VAL A 244 7.58 6.00 -3.67
N GLU A 245 8.23 5.17 -2.83
CA GLU A 245 7.90 5.10 -1.38
C GLU A 245 8.14 6.50 -0.79
N GLY A 246 7.16 7.01 -0.03
CA GLY A 246 7.20 8.39 0.54
C GLY A 246 6.83 9.49 -0.43
N GLU A 247 6.46 9.16 -1.68
CA GLU A 247 6.24 10.20 -2.72
C GLU A 247 5.01 11.01 -2.31
N GLY A 248 3.86 10.36 -2.23
CA GLY A 248 2.59 11.12 -2.08
C GLY A 248 1.77 11.17 -3.40
N LEU A 249 0.45 11.20 -3.27
N LEU A 249 0.44 11.13 -3.27
CA LEU A 249 -0.49 11.05 -4.40
CA LEU A 249 -0.51 11.08 -4.41
C LEU A 249 -0.40 12.28 -5.32
C LEU A 249 -0.25 12.25 -5.34
N HIS A 250 0.01 13.43 -4.78
CA HIS A 250 0.27 14.66 -5.56
C HIS A 250 1.58 14.64 -6.37
N LYS A 251 2.41 13.60 -6.18
CA LYS A 251 3.70 13.39 -6.89
C LYS A 251 3.48 12.41 -8.06
N LEU A 252 2.65 11.38 -7.81
CA LEU A 252 2.61 10.17 -8.68
C LEU A 252 2.28 10.54 -10.13
N GLY A 253 1.40 11.52 -10.37
CA GLY A 253 1.07 11.88 -11.75
C GLY A 253 2.28 12.50 -12.45
N TYR A 254 2.99 13.37 -11.76
CA TYR A 254 4.20 14.03 -12.31
C TYR A 254 5.27 12.98 -12.64
N ILE A 255 5.38 11.97 -11.81
CA ILE A 255 6.32 10.87 -12.00
C ILE A 255 5.97 10.10 -13.28
N LEU A 256 4.69 9.76 -13.48
CA LEU A 256 4.25 8.99 -14.67
C LEU A 256 4.39 9.85 -15.94
N ARG A 257 4.23 11.18 -15.83
CA ARG A 257 4.46 12.11 -16.97
C ARG A 257 5.96 12.10 -17.29
N ASP A 258 6.84 12.03 -16.28
CA ASP A 258 8.33 12.00 -16.52
C ASP A 258 8.69 10.67 -17.24
N VAL A 259 8.15 9.54 -16.83
CA VAL A 259 8.36 8.25 -17.51
C VAL A 259 7.90 8.35 -18.99
N SER A 260 6.76 8.98 -19.24
CA SER A 260 6.20 9.17 -20.60
C SER A 260 7.24 9.82 -21.53
N LYS A 261 8.01 10.77 -21.01
CA LYS A 261 8.99 11.61 -21.78
C LYS A 261 10.13 10.75 -22.35
N LYS A 262 10.32 9.53 -21.85
CA LYS A 262 11.39 8.61 -22.33
C LYS A 262 10.97 8.00 -23.67
N GLU A 263 11.83 8.10 -24.68
CA GLU A 263 11.58 7.41 -25.97
C GLU A 263 11.39 5.92 -25.65
N GLY A 264 10.39 5.30 -26.28
CA GLY A 264 10.11 3.87 -26.18
C GLY A 264 8.74 3.54 -26.69
N GLY A 265 8.20 2.41 -26.29
CA GLY A 265 6.86 2.04 -26.74
C GLY A 265 5.76 2.45 -25.78
N ALA A 266 4.66 1.70 -25.78
CA ALA A 266 3.46 1.92 -24.96
C ALA A 266 3.87 1.90 -23.49
N MET A 267 3.03 2.43 -22.61
CA MET A 267 3.14 2.20 -21.14
C MET A 267 2.34 0.94 -20.80
N TYR A 268 2.96 -0.02 -20.14
CA TYR A 268 2.32 -1.27 -19.68
C TYR A 268 2.05 -1.16 -18.20
N ALA A 269 0.87 -1.61 -17.80
CA ALA A 269 0.49 -1.59 -16.36
C ALA A 269 -0.24 -2.89 -16.06
N ASP A 270 0.45 -4.01 -16.13
CA ASP A 270 -0.22 -5.33 -15.98
C ASP A 270 -0.35 -5.61 -14.49
N ASP A 271 -1.54 -5.90 -14.01
CA ASP A 271 -1.80 -6.40 -12.63
C ASP A 271 -1.46 -7.88 -12.56
N THR A 272 -0.90 -8.34 -11.44
CA THR A 272 -0.63 -9.77 -11.18
C THR A 272 -1.85 -10.38 -10.48
N ALA A 273 -2.24 -11.59 -10.88
CA ALA A 273 -3.35 -12.36 -10.25
C ALA A 273 -2.85 -12.99 -8.94
N GLY A 274 -3.06 -12.28 -7.82
CA GLY A 274 -2.72 -12.73 -6.45
C GLY A 274 -1.23 -12.73 -6.19
N TRP A 275 -0.61 -11.55 -6.19
CA TRP A 275 0.87 -11.39 -6.09
C TRP A 275 1.43 -12.14 -4.88
N ASP A 276 0.88 -11.89 -3.69
CA ASP A 276 1.37 -12.46 -2.41
C ASP A 276 1.37 -14.00 -2.47
N THR A 277 0.35 -14.60 -3.10
CA THR A 277 0.24 -16.08 -3.23
C THR A 277 1.22 -16.67 -4.24
N ARG A 278 1.84 -15.85 -5.08
CA ARG A 278 2.75 -16.27 -6.18
C ARG A 278 4.21 -16.04 -5.81
N ILE A 279 4.50 -15.60 -4.58
CA ILE A 279 5.89 -15.43 -4.09
C ILE A 279 6.43 -16.84 -3.85
N THR A 280 7.46 -17.21 -4.62
CA THR A 280 8.08 -18.56 -4.62
C THR A 280 9.13 -18.64 -3.51
N LEU A 281 9.63 -19.84 -3.22
CA LEU A 281 10.75 -20.00 -2.24
C LEU A 281 11.99 -19.39 -2.89
N GLU A 282 12.09 -19.39 -4.21
CA GLU A 282 13.26 -18.78 -4.91
C GLU A 282 13.25 -17.25 -4.71
N ASP A 283 12.05 -16.65 -4.74
CA ASP A 283 11.81 -15.22 -4.46
C ASP A 283 12.31 -14.89 -3.04
N LEU A 284 11.87 -15.66 -2.04
CA LEU A 284 12.24 -15.47 -0.61
C LEU A 284 13.76 -15.60 -0.43
N LYS A 285 14.41 -16.53 -1.14
CA LYS A 285 15.90 -16.68 -1.11
C LYS A 285 16.61 -15.49 -1.75
N ASN A 286 16.09 -14.89 -2.83
CA ASN A 286 16.71 -13.70 -3.41
C ASN A 286 16.51 -12.48 -2.50
N GLU A 287 15.38 -12.39 -1.84
CA GLU A 287 15.08 -11.30 -0.87
C GLU A 287 16.07 -11.40 0.33
N GLU A 288 16.35 -12.62 0.77
CA GLU A 288 17.23 -12.92 1.94
C GLU A 288 18.66 -12.38 1.69
N MET A 289 19.08 -12.24 0.43
CA MET A 289 20.44 -11.77 0.10
C MET A 289 20.71 -10.35 0.62
N VAL A 290 19.68 -9.63 1.10
CA VAL A 290 19.93 -8.30 1.72
C VAL A 290 20.86 -8.52 2.94
N THR A 291 20.80 -9.68 3.59
CA THR A 291 21.67 -10.03 4.76
C THR A 291 23.15 -10.08 4.36
N ASN A 292 23.46 -10.27 3.09
CA ASN A 292 24.87 -10.24 2.60
C ASN A 292 25.53 -8.87 2.83
N HIS A 293 24.72 -7.84 3.06
CA HIS A 293 25.18 -6.43 3.19
C HIS A 293 25.18 -6.03 4.67
N MET A 294 24.92 -6.99 5.58
CA MET A 294 24.80 -6.75 7.03
C MET A 294 26.07 -7.30 7.73
N GLU A 295 26.15 -7.08 9.05
CA GLU A 295 27.21 -7.58 9.95
C GLU A 295 26.68 -7.73 11.38
N GLY A 296 27.37 -8.52 12.22
CA GLY A 296 27.18 -8.58 13.69
C GLY A 296 25.83 -9.16 14.06
N GLU A 297 25.29 -8.70 15.21
CA GLU A 297 23.96 -9.10 15.75
C GLU A 297 22.86 -8.88 14.70
N HIS A 298 23.01 -7.86 13.85
CA HIS A 298 22.02 -7.54 12.78
C HIS A 298 21.96 -8.68 11.76
N LYS A 299 23.10 -9.06 11.17
CA LYS A 299 23.18 -10.07 10.09
C LYS A 299 22.53 -11.39 10.56
N LYS A 300 22.82 -11.82 11.79
CA LYS A 300 22.33 -13.12 12.32
C LYS A 300 20.83 -13.00 12.61
N LEU A 301 20.40 -11.91 13.26
CA LEU A 301 18.98 -11.64 13.59
C LEU A 301 18.15 -11.61 12.29
N ALA A 302 18.60 -10.85 11.27
CA ALA A 302 17.89 -10.75 9.96
C ALA A 302 17.82 -12.15 9.34
N GLU A 303 18.93 -12.89 9.38
CA GLU A 303 18.98 -14.28 8.85
C GLU A 303 17.92 -15.14 9.55
N ALA A 304 17.65 -14.89 10.81
CA ALA A 304 16.68 -15.71 11.57
C ALA A 304 15.25 -15.34 11.16
N ILE A 305 14.95 -14.04 10.95
CA ILE A 305 13.60 -13.63 10.45
C ILE A 305 13.33 -14.36 9.11
N PHE A 306 14.23 -14.28 8.14
CA PHE A 306 14.07 -14.91 6.82
C PHE A 306 13.89 -16.44 6.95
N LYS A 307 14.76 -17.11 7.71
CA LYS A 307 14.80 -18.61 7.74
C LYS A 307 13.67 -19.16 8.62
N LEU A 308 13.36 -18.54 9.75
CA LEU A 308 12.42 -19.11 10.72
C LEU A 308 10.97 -18.66 10.56
N THR A 309 10.74 -17.44 10.04
CA THR A 309 9.40 -16.82 9.95
C THR A 309 8.92 -16.75 8.48
N TYR A 310 9.81 -16.53 7.50
CA TYR A 310 9.42 -16.33 6.07
C TYR A 310 9.55 -17.65 5.29
N GLN A 311 10.79 -18.16 5.17
CA GLN A 311 11.15 -19.35 4.35
C GLN A 311 10.58 -20.63 4.97
N ASN A 312 10.20 -20.57 6.25
CA ASN A 312 9.40 -21.59 6.99
C ASN A 312 8.40 -20.80 7.84
N LYS A 313 7.16 -21.27 7.97
CA LYS A 313 6.09 -20.54 8.70
C LYS A 313 5.25 -21.52 9.52
N VAL A 314 4.43 -20.96 10.41
CA VAL A 314 3.36 -21.66 11.18
C VAL A 314 2.22 -20.65 11.33
N VAL A 315 0.98 -21.08 11.12
CA VAL A 315 -0.22 -20.18 11.06
C VAL A 315 -1.38 -20.86 11.79
N ARG A 316 -2.24 -20.05 12.41
CA ARG A 316 -3.49 -20.50 13.09
C ARG A 316 -4.69 -19.85 12.41
N VAL A 317 -5.53 -20.66 11.78
CA VAL A 317 -6.75 -20.23 11.03
C VAL A 317 -7.96 -20.93 11.66
N GLN A 318 -9.01 -20.15 12.00
CA GLN A 318 -10.28 -20.67 12.55
C GLN A 318 -11.10 -21.31 11.42
N ARG A 319 -11.76 -22.43 11.71
CA ARG A 319 -12.66 -23.19 10.78
C ARG A 319 -13.99 -23.40 11.50
N PRO A 320 -15.15 -23.00 10.91
CA PRO A 320 -16.44 -23.10 11.63
C PRO A 320 -17.05 -24.49 11.91
N THR A 321 -16.52 -25.54 11.28
CA THR A 321 -16.94 -26.96 11.47
C THR A 321 -16.82 -27.34 12.96
N THR A 325 -16.33 -25.56 16.04
CA THR A 325 -15.29 -24.58 15.58
C THR A 325 -13.91 -24.99 16.14
N VAL A 326 -12.97 -25.33 15.26
CA VAL A 326 -11.58 -25.76 15.62
C VAL A 326 -10.57 -24.79 14.99
N MET A 327 -9.49 -24.51 15.73
CA MET A 327 -8.31 -23.75 15.23
C MET A 327 -7.34 -24.74 14.59
N ASP A 328 -7.04 -24.58 13.29
CA ASP A 328 -6.04 -25.38 12.55
C ASP A 328 -4.66 -24.74 12.72
N ILE A 329 -3.64 -25.56 12.92
CA ILE A 329 -2.20 -25.14 12.98
C ILE A 329 -1.53 -25.69 11.73
N ILE A 330 -1.31 -24.83 10.75
CA ILE A 330 -0.81 -25.24 9.41
C ILE A 330 0.57 -24.61 9.19
N SER A 331 1.39 -25.21 8.34
CA SER A 331 2.68 -24.62 7.94
C SER A 331 2.82 -24.56 6.42
N ARG A 332 3.64 -23.64 5.91
CA ARG A 332 4.16 -23.75 4.53
C ARG A 332 5.44 -22.95 4.40
N ARG A 333 6.16 -23.19 3.31
CA ARG A 333 7.50 -22.62 3.08
C ARG A 333 7.43 -21.31 2.28
N ASP A 334 6.59 -21.25 1.25
CA ASP A 334 6.58 -20.14 0.24
C ASP A 334 5.34 -19.27 0.45
N GLN A 335 5.10 -18.32 -0.48
CA GLN A 335 4.06 -17.26 -0.41
C GLN A 335 4.51 -16.19 0.61
N ARG A 336 3.98 -14.98 0.45
CA ARG A 336 4.31 -13.81 1.30
C ARG A 336 3.54 -13.91 2.62
N GLY A 337 4.29 -14.00 3.72
CA GLY A 337 3.80 -13.91 5.11
C GLY A 337 4.77 -13.07 5.93
N SER A 338 4.42 -11.80 6.13
CA SER A 338 5.22 -10.80 6.90
C SER A 338 4.34 -9.58 7.19
N GLY A 339 4.85 -8.66 8.01
CA GLY A 339 4.19 -7.37 8.33
C GLY A 339 3.99 -6.56 7.06
N GLN A 340 2.91 -5.76 7.00
CA GLN A 340 2.48 -5.05 5.77
C GLN A 340 3.64 -4.19 5.24
N VAL A 341 4.35 -3.46 6.11
CA VAL A 341 5.34 -2.42 5.68
C VAL A 341 6.59 -3.11 5.14
N VAL A 342 7.03 -4.22 5.76
CA VAL A 342 8.15 -5.03 5.20
C VAL A 342 7.66 -5.66 3.90
N THR A 343 6.49 -6.29 3.91
CA THR A 343 5.85 -6.89 2.71
C THR A 343 5.83 -5.87 1.56
N TYR A 344 5.51 -4.60 1.85
CA TYR A 344 5.53 -3.54 0.83
C TYR A 344 6.93 -3.46 0.20
N GLY A 345 7.98 -3.40 1.02
CA GLY A 345 9.35 -3.17 0.51
C GLY A 345 9.83 -4.41 -0.24
N LEU A 346 9.51 -5.61 0.23
CA LEU A 346 10.03 -6.82 -0.42
C LEU A 346 9.22 -7.08 -1.73
N ASN A 347 7.92 -6.79 -1.73
CA ASN A 347 7.08 -6.78 -2.97
C ASN A 347 7.68 -5.79 -3.96
N THR A 348 7.99 -4.56 -3.58
CA THR A 348 8.62 -3.58 -4.50
C THR A 348 9.89 -4.18 -5.10
N PHE A 349 10.74 -4.78 -4.26
CA PHE A 349 12.07 -5.33 -4.66
C PHE A 349 11.86 -6.43 -5.72
N THR A 350 11.00 -7.40 -5.42
CA THR A 350 10.85 -8.59 -6.26
C THR A 350 10.12 -8.15 -7.55
N ASN A 351 9.21 -7.17 -7.44
CA ASN A 351 8.51 -6.61 -8.63
C ASN A 351 9.55 -5.88 -9.50
N MET A 352 10.46 -5.14 -8.90
CA MET A 352 11.50 -4.42 -9.69
C MET A 352 12.33 -5.45 -10.45
N GLU A 353 12.68 -6.54 -9.77
CA GLU A 353 13.49 -7.67 -10.30
C GLU A 353 12.75 -8.30 -11.50
N ALA A 354 11.49 -8.68 -11.31
CA ALA A 354 10.65 -9.32 -12.34
C ALA A 354 10.53 -8.41 -13.57
N GLN A 355 10.34 -7.11 -13.38
CA GLN A 355 10.11 -6.24 -14.54
C GLN A 355 11.42 -5.99 -15.27
N LEU A 356 12.58 -5.92 -14.61
CA LEU A 356 13.90 -5.80 -15.32
C LEU A 356 14.13 -7.08 -16.18
N ILE A 357 13.77 -8.24 -15.69
CA ILE A 357 13.92 -9.52 -16.44
C ILE A 357 12.95 -9.49 -17.63
N ARG A 358 11.70 -9.01 -17.44
CA ARG A 358 10.77 -8.93 -18.57
C ARG A 358 11.32 -7.96 -19.60
N GLN A 359 11.90 -6.84 -19.18
CA GLN A 359 12.58 -5.91 -20.09
C GLN A 359 13.76 -6.67 -20.80
N MET A 360 14.55 -7.46 -20.10
CA MET A 360 15.71 -8.18 -20.72
C MET A 360 15.16 -9.12 -21.83
N GLU A 361 14.10 -9.87 -21.54
CA GLU A 361 13.44 -10.76 -22.52
C GLU A 361 12.99 -9.96 -23.74
N GLY A 362 12.27 -8.86 -23.57
CA GLY A 362 11.85 -8.09 -24.74
C GLY A 362 13.06 -7.64 -25.58
N GLU A 363 14.20 -7.37 -24.95
CA GLU A 363 15.36 -6.77 -25.62
C GLU A 363 16.24 -7.89 -26.24
N GLY A 364 15.89 -9.15 -26.07
CA GLY A 364 16.68 -10.26 -26.63
C GLY A 364 17.98 -10.53 -25.88
N VAL A 365 18.10 -10.18 -24.58
CA VAL A 365 19.37 -10.34 -23.82
C VAL A 365 19.67 -11.84 -23.67
N PHE A 366 18.64 -12.64 -23.44
CA PHE A 366 18.70 -14.12 -23.36
C PHE A 366 17.65 -14.71 -24.31
N LYS A 367 17.82 -15.96 -24.75
CA LYS A 367 17.01 -16.57 -25.83
C LYS A 367 15.98 -17.48 -25.18
N SER A 368 16.32 -18.20 -24.12
CA SER A 368 15.44 -19.20 -23.46
C SER A 368 15.63 -19.27 -21.94
N ILE A 369 14.54 -19.53 -21.22
CA ILE A 369 14.46 -19.62 -19.74
C ILE A 369 14.91 -21.01 -19.31
N GLN A 370 15.12 -21.89 -20.29
CA GLN A 370 15.37 -23.31 -19.98
C GLN A 370 16.76 -23.37 -19.34
N HIS A 371 17.68 -22.57 -19.86
CA HIS A 371 19.09 -22.66 -19.52
C HIS A 371 19.76 -21.40 -20.02
N LEU A 372 20.46 -20.73 -19.11
CA LEU A 372 21.37 -19.62 -19.46
C LEU A 372 22.72 -20.25 -19.75
N THR A 373 23.32 -19.87 -20.88
CA THR A 373 24.73 -20.19 -21.26
C THR A 373 25.65 -19.22 -20.51
N VAL A 374 26.90 -19.61 -20.29
CA VAL A 374 27.92 -18.77 -19.57
C VAL A 374 28.04 -17.41 -20.29
N THR A 375 27.91 -17.41 -21.61
CA THR A 375 27.94 -16.19 -22.48
C THR A 375 26.69 -15.34 -22.21
N GLU A 376 25.52 -15.99 -22.09
CA GLU A 376 24.23 -15.31 -21.76
C GLU A 376 24.37 -14.65 -20.38
N GLU A 377 24.98 -15.34 -19.41
CA GLU A 377 25.16 -14.85 -18.02
C GLU A 377 25.93 -13.53 -18.01
N ILE A 378 27.08 -13.46 -18.68
CA ILE A 378 27.95 -12.24 -18.69
C ILE A 378 27.20 -11.11 -19.41
N ALA A 379 26.44 -11.42 -20.46
CA ALA A 379 25.62 -10.45 -21.22
C ALA A 379 24.55 -9.85 -20.30
N VAL A 380 23.80 -10.70 -19.59
CA VAL A 380 22.84 -10.29 -18.54
C VAL A 380 23.54 -9.33 -17.54
N LYS A 381 24.68 -9.77 -17.00
CA LYS A 381 25.48 -8.99 -16.01
C LYS A 381 25.89 -7.65 -16.64
N ASN A 382 26.34 -7.67 -17.91
CA ASN A 382 26.82 -6.43 -18.60
C ASN A 382 25.64 -5.50 -18.87
N TRP A 383 24.47 -6.05 -19.24
CA TRP A 383 23.24 -5.24 -19.50
C TRP A 383 22.92 -4.43 -18.22
N LEU A 384 22.90 -5.13 -17.09
CA LEU A 384 22.64 -4.51 -15.75
C LEU A 384 23.60 -3.34 -15.48
N VAL A 385 24.92 -3.60 -15.59
CA VAL A 385 25.97 -2.60 -15.25
C VAL A 385 25.91 -1.46 -16.26
N ARG A 386 25.66 -1.77 -17.55
CA ARG A 386 25.60 -0.76 -18.64
C ARG A 386 24.30 0.06 -18.54
N VAL A 387 23.12 -0.58 -18.55
CA VAL A 387 21.82 0.13 -18.79
C VAL A 387 20.84 -0.02 -17.61
N GLY A 388 21.16 -0.87 -16.62
CA GLY A 388 20.24 -1.23 -15.50
C GLY A 388 19.55 -0.02 -14.87
N ARG A 389 20.33 1.02 -14.55
CA ARG A 389 19.82 2.24 -13.89
C ARG A 389 18.82 2.95 -14.81
N GLU A 390 19.12 3.06 -16.11
CA GLU A 390 18.20 3.71 -17.10
C GLU A 390 16.89 2.91 -17.16
N ARG A 391 16.98 1.59 -17.14
CA ARG A 391 15.82 0.67 -17.24
C ARG A 391 14.94 0.81 -15.98
N LEU A 392 15.55 0.84 -14.79
CA LEU A 392 14.82 1.04 -13.50
C LEU A 392 14.08 2.39 -13.56
N SER A 393 14.66 3.40 -14.21
CA SER A 393 14.09 4.76 -14.35
C SER A 393 12.82 4.74 -15.21
N ARG A 394 12.66 3.74 -16.10
CA ARG A 394 11.53 3.64 -17.06
C ARG A 394 10.30 3.06 -16.35
N MET A 395 10.36 2.88 -15.03
CA MET A 395 9.29 2.20 -14.26
C MET A 395 8.85 3.03 -13.05
N ALA A 396 7.60 2.83 -12.63
CA ALA A 396 7.08 3.30 -11.34
C ALA A 396 6.43 2.08 -10.68
N ILE A 397 7.00 1.63 -9.57
CA ILE A 397 6.66 0.39 -8.87
C ILE A 397 6.34 0.70 -7.39
N SER A 398 5.17 0.27 -7.00
CA SER A 398 4.58 0.42 -5.67
C SER A 398 4.10 -0.97 -5.24
N GLY A 399 4.96 -1.69 -4.51
CA GLY A 399 4.65 -3.09 -4.16
C GLY A 399 4.32 -3.91 -5.40
N ASP A 400 3.14 -4.53 -5.43
CA ASP A 400 2.74 -5.39 -6.59
C ASP A 400 2.27 -4.56 -7.79
N ASP A 401 2.25 -3.26 -7.70
CA ASP A 401 1.67 -2.37 -8.74
C ASP A 401 2.80 -1.81 -9.58
N CYS A 402 2.77 -1.95 -10.92
CA CYS A 402 3.80 -1.36 -11.79
C CYS A 402 3.22 -0.64 -12.99
N VAL A 403 4.01 0.29 -13.47
CA VAL A 403 3.96 0.97 -14.78
C VAL A 403 5.37 0.86 -15.35
N VAL A 404 5.48 0.37 -16.57
CA VAL A 404 6.77 0.18 -17.31
C VAL A 404 6.63 0.81 -18.69
N LYS A 405 7.55 1.71 -19.05
CA LYS A 405 7.72 2.22 -20.43
C LYS A 405 8.98 1.59 -21.02
N PRO A 406 8.88 0.41 -21.67
CA PRO A 406 10.06 -0.28 -22.20
C PRO A 406 10.62 0.40 -23.45
N LEU A 407 11.78 -0.09 -23.86
CA LEU A 407 12.51 0.44 -25.05
C LEU A 407 11.60 0.36 -26.30
N ASP A 408 10.73 -0.65 -26.39
CA ASP A 408 9.84 -0.83 -27.58
C ASP A 408 8.75 -1.83 -27.22
N ASP A 409 7.87 -2.11 -28.15
CA ASP A 409 6.70 -2.97 -27.84
C ASP A 409 7.02 -4.47 -27.93
N ARG A 410 8.27 -4.90 -28.09
CA ARG A 410 8.56 -6.36 -27.99
C ARG A 410 8.21 -6.87 -26.60
N PHE A 411 8.35 -6.01 -25.55
CA PHE A 411 7.91 -6.24 -24.16
C PHE A 411 6.54 -6.86 -24.09
N ALA A 412 5.58 -6.39 -24.90
CA ALA A 412 4.17 -6.84 -24.84
C ALA A 412 4.03 -8.37 -24.93
N SER A 413 4.88 -9.03 -25.71
CA SER A 413 4.76 -10.50 -25.93
C SER A 413 5.95 -11.23 -25.31
N ALA A 414 6.78 -10.56 -24.48
CA ALA A 414 7.89 -11.21 -23.75
C ALA A 414 7.33 -11.74 -22.44
N LEU A 415 6.82 -12.96 -22.45
CA LEU A 415 5.96 -13.53 -21.40
C LEU A 415 6.57 -14.79 -20.78
N THR A 416 7.70 -15.31 -21.26
CA THR A 416 8.11 -16.67 -20.80
C THR A 416 8.69 -16.59 -19.37
N ALA A 417 9.60 -15.65 -19.10
CA ALA A 417 10.17 -15.42 -17.75
C ALA A 417 9.04 -15.00 -16.79
N LEU A 418 8.16 -14.07 -17.19
CA LEU A 418 7.13 -13.56 -16.25
C LEU A 418 6.26 -14.72 -15.82
N ASN A 419 5.81 -15.56 -16.75
CA ASN A 419 4.90 -16.71 -16.46
C ASN A 419 5.70 -17.76 -15.65
N ASP A 420 6.96 -18.01 -15.99
CA ASP A 420 7.78 -19.03 -15.30
C ASP A 420 8.14 -18.56 -13.87
N MET A 421 8.19 -17.25 -13.61
CA MET A 421 8.50 -16.74 -12.24
C MET A 421 7.24 -16.90 -11.39
N GLY A 422 6.10 -17.19 -11.99
CA GLY A 422 4.78 -17.35 -11.33
C GLY A 422 3.96 -16.07 -11.30
N LYS A 423 4.47 -14.98 -11.83
CA LYS A 423 3.77 -13.64 -11.83
C LYS A 423 2.79 -13.53 -13.02
N VAL A 424 1.77 -14.37 -12.97
CA VAL A 424 0.76 -14.56 -14.04
C VAL A 424 -0.16 -13.34 -14.00
N ARG A 425 -0.42 -12.78 -15.18
CA ARG A 425 -1.22 -11.54 -15.34
C ARG A 425 -2.70 -11.83 -15.05
N LYS A 426 -3.38 -10.84 -14.47
CA LYS A 426 -4.85 -10.85 -14.18
C LYS A 426 -5.61 -10.44 -15.44
N ASP A 427 -6.78 -11.05 -15.69
CA ASP A 427 -7.76 -10.60 -16.72
C ASP A 427 -7.16 -10.66 -18.13
N ILE A 428 -6.33 -11.66 -18.45
CA ILE A 428 -5.76 -11.78 -19.83
C ILE A 428 -5.28 -13.22 -19.92
N GLN A 429 -5.33 -13.84 -21.09
CA GLN A 429 -5.00 -15.29 -21.23
C GLN A 429 -3.47 -15.42 -21.19
N GLN A 430 -3.02 -16.55 -20.73
CA GLN A 430 -1.62 -16.75 -20.32
C GLN A 430 -0.70 -16.17 -21.39
N TRP A 431 -0.98 -16.43 -22.67
CA TRP A 431 -0.01 -16.19 -23.76
C TRP A 431 -0.43 -15.04 -24.72
N GLU A 432 -1.49 -14.31 -24.39
CA GLU A 432 -1.98 -13.14 -25.17
C GLU A 432 -1.09 -11.96 -24.79
N PRO A 433 -0.61 -11.22 -25.78
CA PRO A 433 0.29 -10.10 -25.55
C PRO A 433 -0.41 -9.03 -24.73
N SER A 434 0.35 -8.36 -23.87
CA SER A 434 -0.18 -7.25 -23.05
C SER A 434 -0.76 -6.12 -23.93
N ARG A 435 -1.90 -5.59 -23.50
CA ARG A 435 -2.49 -4.29 -23.94
C ARG A 435 -1.70 -3.14 -23.30
N GLY A 436 -1.12 -2.24 -24.09
CA GLY A 436 -0.43 -1.07 -23.54
C GLY A 436 -1.29 0.17 -23.58
N TRP A 437 -0.83 1.25 -22.95
CA TRP A 437 -1.51 2.54 -22.97
C TRP A 437 -0.66 3.51 -23.78
N ASN A 438 -1.30 4.30 -24.65
CA ASN A 438 -0.62 5.27 -25.55
C ASN A 438 -0.72 6.71 -25.01
N ASP A 439 -1.27 6.91 -23.82
CA ASP A 439 -1.25 8.24 -23.13
C ASP A 439 -1.11 8.00 -21.63
N TRP A 440 -0.16 8.70 -21.01
CA TRP A 440 0.13 8.59 -19.55
C TRP A 440 -1.09 9.01 -18.71
N THR A 441 -1.98 9.83 -19.24
CA THR A 441 -3.21 10.29 -18.53
C THR A 441 -4.27 9.20 -18.48
N GLN A 442 -4.07 8.08 -19.17
CA GLN A 442 -5.02 6.94 -19.16
C GLN A 442 -4.53 5.78 -18.29
N VAL A 443 -3.27 5.76 -17.94
CA VAL A 443 -2.58 4.63 -17.23
C VAL A 443 -3.12 4.52 -15.83
N PRO A 444 -3.54 3.33 -15.39
CA PRO A 444 -3.92 3.10 -14.01
C PRO A 444 -2.67 2.97 -13.14
N PHE A 445 -2.63 3.57 -11.95
CA PHE A 445 -1.53 3.33 -10.97
C PHE A 445 -2.03 3.69 -9.59
N CYS A 446 -1.82 2.80 -8.61
CA CYS A 446 -2.21 2.98 -7.18
C CYS A 446 -3.69 3.39 -7.09
N SER A 447 -4.54 2.75 -7.89
CA SER A 447 -6.03 2.89 -7.90
C SER A 447 -6.44 4.26 -8.48
N HIS A 448 -5.53 5.00 -9.10
CA HIS A 448 -5.84 6.33 -9.69
C HIS A 448 -5.57 6.38 -11.20
N HIS A 449 -6.00 7.45 -11.82
CA HIS A 449 -5.43 7.99 -13.08
C HIS A 449 -5.15 9.45 -12.83
N PHE A 450 -4.54 10.12 -13.77
CA PHE A 450 -3.95 11.46 -13.56
C PHE A 450 -4.34 12.38 -14.71
N HIS A 451 -4.80 13.59 -14.36
CA HIS A 451 -5.22 14.63 -15.35
C HIS A 451 -4.16 15.74 -15.40
N GLU A 452 -3.94 16.31 -16.58
CA GLU A 452 -3.15 17.55 -16.78
C GLU A 452 -4.13 18.72 -16.75
N LEU A 453 -3.96 19.66 -15.83
CA LEU A 453 -4.93 20.75 -15.57
C LEU A 453 -4.21 22.09 -15.69
N ILE A 454 -4.76 23.01 -16.48
CA ILE A 454 -4.15 24.34 -16.77
C ILE A 454 -4.84 25.37 -15.87
N MET A 455 -4.07 26.01 -14.99
CA MET A 455 -4.53 27.15 -14.16
C MET A 455 -4.71 28.38 -15.06
N LYS A 456 -5.62 29.27 -14.67
N LYS A 456 -5.63 29.28 -14.68
CA LYS A 456 -5.96 30.50 -15.43
CA LYS A 456 -5.95 30.51 -15.47
C LYS A 456 -4.67 31.29 -15.75
C LYS A 456 -4.65 31.27 -15.78
N ASP A 457 -3.64 31.20 -14.90
CA ASP A 457 -2.35 31.92 -15.07
C ASP A 457 -1.34 31.11 -15.90
N GLY A 458 -1.76 29.96 -16.47
CA GLY A 458 -0.94 29.14 -17.37
C GLY A 458 -0.11 28.07 -16.67
N ARG A 459 -0.07 28.04 -15.33
CA ARG A 459 0.76 27.04 -14.62
C ARG A 459 0.06 25.66 -14.72
N VAL A 460 0.85 24.61 -14.72
CA VAL A 460 0.36 23.23 -15.00
C VAL A 460 0.35 22.38 -13.74
N LEU A 461 -0.85 21.92 -13.35
CA LEU A 461 -1.03 20.92 -12.27
C LEU A 461 -1.23 19.51 -12.89
N VAL A 462 -0.57 18.51 -12.34
CA VAL A 462 -0.92 17.11 -12.66
C VAL A 462 -1.60 16.54 -11.43
N VAL A 463 -2.88 16.18 -11.54
CA VAL A 463 -3.71 15.84 -10.37
C VAL A 463 -4.15 14.40 -10.37
N PRO A 464 -4.30 13.81 -9.17
CA PRO A 464 -4.86 12.47 -9.03
C PRO A 464 -6.38 12.42 -9.08
N CYS A 465 -6.91 11.31 -9.61
CA CYS A 465 -8.37 11.19 -9.85
C CYS A 465 -8.77 9.73 -9.72
N ARG A 466 -10.01 9.47 -9.33
CA ARG A 466 -10.62 8.16 -9.55
C ARG A 466 -12.13 8.33 -9.55
N ASN A 467 -12.82 7.31 -9.97
CA ASN A 467 -14.30 7.39 -10.03
C ASN A 467 -14.85 7.97 -8.70
N GLN A 468 -15.72 8.97 -8.74
CA GLN A 468 -16.09 9.75 -7.55
C GLN A 468 -16.96 8.92 -6.62
N ASP A 469 -17.66 7.92 -7.14
CA ASP A 469 -18.49 7.01 -6.29
C ASP A 469 -17.57 6.29 -5.31
N GLU A 470 -16.37 5.90 -5.74
CA GLU A 470 -15.41 5.17 -4.89
C GLU A 470 -14.99 6.12 -3.76
N LEU A 471 -14.71 7.38 -4.08
CA LEU A 471 -14.25 8.36 -3.06
C LEU A 471 -15.33 8.62 -2.02
N ILE A 472 -16.54 8.86 -2.46
CA ILE A 472 -17.66 9.19 -1.54
C ILE A 472 -18.03 7.97 -0.72
N GLY A 473 -18.03 6.79 -1.35
CA GLY A 473 -18.37 5.53 -0.68
C GLY A 473 -17.38 5.20 0.45
N ARG A 474 -16.09 5.46 0.25
CA ARG A 474 -15.04 5.18 1.27
C ARG A 474 -15.19 6.17 2.44
N ALA A 475 -15.38 7.45 2.16
CA ALA A 475 -15.47 8.53 3.20
C ALA A 475 -16.71 8.28 4.09
N ARG A 476 -17.69 7.50 3.62
CA ARG A 476 -18.95 7.21 4.36
C ARG A 476 -18.76 6.01 5.28
N ILE A 477 -17.57 5.46 5.30
CA ILE A 477 -17.31 4.23 6.09
C ILE A 477 -16.29 4.49 7.19
N SER A 478 -16.64 4.04 8.40
N SER A 478 -16.64 4.07 8.41
CA SER A 478 -15.76 4.04 9.61
CA SER A 478 -15.73 4.06 9.60
C SER A 478 -15.64 2.59 10.13
C SER A 478 -15.65 2.64 10.19
N GLN A 479 -14.43 2.20 10.54
CA GLN A 479 -14.14 0.83 11.03
C GLN A 479 -13.94 0.88 12.56
N GLY A 480 -14.39 -0.16 13.26
CA GLY A 480 -14.19 -0.34 14.71
C GLY A 480 -15.38 0.14 15.53
N ALA A 481 -15.35 -0.13 16.84
CA ALA A 481 -16.41 0.21 17.80
C ALA A 481 -16.00 1.41 18.67
N GLY A 482 -16.99 1.95 19.38
CA GLY A 482 -16.87 2.94 20.47
C GLY A 482 -16.51 4.32 19.95
N TRP A 483 -16.99 4.69 18.76
CA TRP A 483 -16.74 6.04 18.18
C TRP A 483 -17.75 7.04 18.75
N SER A 484 -17.25 8.02 19.48
CA SER A 484 -18.02 9.22 19.91
C SER A 484 -18.49 9.99 18.67
N LEU A 485 -19.40 10.95 18.86
CA LEU A 485 -19.83 11.88 17.79
C LEU A 485 -18.63 12.76 17.39
N ARG A 486 -17.81 13.14 18.39
CA ARG A 486 -16.65 13.98 18.10
C ARG A 486 -15.61 13.22 17.26
N GLU A 487 -15.33 11.95 17.62
CA GLU A 487 -14.36 11.09 16.89
C GLU A 487 -14.85 10.94 15.42
N THR A 488 -16.16 10.71 15.25
CA THR A 488 -16.80 10.48 13.92
C THR A 488 -16.64 11.77 13.09
N ALA A 489 -16.92 12.92 13.71
CA ALA A 489 -16.80 14.23 13.07
C ALA A 489 -15.37 14.47 12.62
N CYS A 490 -14.38 14.10 13.44
CA CYS A 490 -12.95 14.40 13.14
C CYS A 490 -12.49 13.47 12.00
N LEU A 491 -12.99 12.24 11.91
CA LEU A 491 -12.70 11.36 10.74
C LEU A 491 -13.35 11.93 9.47
N GLY A 492 -14.56 12.44 9.52
CA GLY A 492 -15.18 13.08 8.36
C GLY A 492 -14.33 14.25 7.90
N LYS A 493 -13.78 15.01 8.86
CA LYS A 493 -12.93 16.19 8.56
C LYS A 493 -11.64 15.76 7.85
N SER A 494 -11.08 14.62 8.26
CA SER A 494 -9.85 14.10 7.60
C SER A 494 -10.12 13.87 6.10
N TYR A 495 -11.26 13.22 5.78
CA TYR A 495 -11.61 12.97 4.36
C TYR A 495 -11.83 14.30 3.61
N ALA A 496 -12.52 15.23 4.26
CA ALA A 496 -12.81 16.54 3.63
C ALA A 496 -11.50 17.25 3.28
N GLN A 497 -10.54 17.26 4.20
CA GLN A 497 -9.26 17.98 3.97
C GLN A 497 -8.47 17.24 2.87
N MET A 498 -8.53 15.91 2.86
CA MET A 498 -7.86 15.14 1.78
C MET A 498 -8.47 15.55 0.43
N TRP A 499 -9.79 15.63 0.35
CA TRP A 499 -10.46 16.03 -0.92
C TRP A 499 -10.02 17.44 -1.34
N SER A 500 -9.88 18.36 -0.38
CA SER A 500 -9.49 19.76 -0.68
C SER A 500 -8.07 19.80 -1.28
N LEU A 501 -7.20 18.88 -0.92
CA LEU A 501 -5.78 18.94 -1.38
C LEU A 501 -5.54 18.02 -2.59
N MET A 502 -6.22 16.89 -2.67
CA MET A 502 -6.01 15.86 -3.72
C MET A 502 -7.08 16.03 -4.81
N TYR A 503 -8.34 16.28 -4.45
CA TYR A 503 -9.47 16.18 -5.43
C TYR A 503 -10.22 17.51 -5.59
N PHE A 504 -9.58 18.65 -5.27
CA PHE A 504 -10.14 20.04 -5.37
C PHE A 504 -10.75 20.29 -6.76
N HIS A 505 -10.24 19.57 -7.75
CA HIS A 505 -10.65 19.70 -9.19
C HIS A 505 -11.99 19.02 -9.51
N ARG A 506 -12.60 18.28 -8.57
CA ARG A 506 -13.92 17.62 -8.72
C ARG A 506 -14.93 18.54 -8.02
N ARG A 507 -15.85 19.10 -8.79
CA ARG A 507 -16.86 20.07 -8.31
C ARG A 507 -17.57 19.54 -7.07
N ASP A 508 -18.07 18.32 -7.08
CA ASP A 508 -18.88 17.78 -5.98
C ASP A 508 -17.98 17.63 -4.73
N LEU A 509 -16.71 17.28 -4.87
CA LEU A 509 -15.88 16.98 -3.67
C LEU A 509 -15.41 18.30 -3.06
N ARG A 510 -15.17 19.32 -3.84
CA ARG A 510 -14.74 20.61 -3.24
C ARG A 510 -15.93 21.20 -2.47
N LEU A 511 -17.15 21.05 -3.00
CA LEU A 511 -18.37 21.53 -2.30
C LEU A 511 -18.57 20.67 -1.03
N ALA A 512 -18.53 19.36 -1.11
CA ALA A 512 -18.83 18.50 0.05
C ALA A 512 -17.73 18.69 1.13
N ALA A 513 -16.49 18.88 0.73
CA ALA A 513 -15.35 19.17 1.64
C ALA A 513 -15.60 20.47 2.39
N ASN A 514 -15.98 21.52 1.68
CA ASN A 514 -16.32 22.83 2.32
C ASN A 514 -17.51 22.65 3.25
N ALA A 515 -18.52 21.88 2.86
CA ALA A 515 -19.68 21.64 3.75
C ALA A 515 -19.22 20.92 5.03
N ILE A 516 -18.47 19.83 4.92
CA ILE A 516 -18.05 19.03 6.12
C ILE A 516 -17.15 19.93 7.04
N CYS A 517 -16.23 20.71 6.48
CA CYS A 517 -15.35 21.61 7.26
C CYS A 517 -16.19 22.71 7.96
N SER A 518 -17.33 23.09 7.38
CA SER A 518 -18.25 24.12 7.94
C SER A 518 -19.14 23.50 9.02
N ALA A 519 -19.30 22.18 9.01
CA ALA A 519 -20.21 21.49 9.95
C ALA A 519 -19.47 20.96 11.17
N VAL A 520 -18.16 20.79 11.08
CA VAL A 520 -17.32 20.30 12.20
C VAL A 520 -16.66 21.51 12.86
N PRO A 521 -16.59 21.58 14.22
CA PRO A 521 -15.91 22.69 14.88
C PRO A 521 -14.50 22.93 14.30
N SER A 522 -14.22 24.19 13.96
N SER A 522 -14.21 24.20 13.98
CA SER A 522 -12.98 24.66 13.28
CA SER A 522 -12.99 24.66 13.28
C SER A 522 -11.72 24.11 13.96
C SER A 522 -11.71 24.14 13.96
N HIS A 523 -11.68 24.07 15.30
CA HIS A 523 -10.46 23.75 16.08
C HIS A 523 -10.37 22.25 16.41
N TRP A 524 -11.38 21.45 16.10
CA TRP A 524 -11.33 19.98 16.29
C TRP A 524 -10.33 19.39 15.29
N VAL A 525 -9.38 18.58 15.77
CA VAL A 525 -8.25 18.06 14.96
C VAL A 525 -8.73 16.83 14.19
N PRO A 526 -8.42 16.73 12.89
CA PRO A 526 -8.73 15.54 12.10
C PRO A 526 -8.03 14.29 12.65
N THR A 527 -8.73 13.14 12.65
CA THR A 527 -8.24 11.84 13.19
C THR A 527 -8.29 10.75 12.13
N SER A 528 -7.66 9.61 12.43
CA SER A 528 -7.62 8.38 11.62
C SER A 528 -6.97 7.26 12.46
N ARG A 529 -7.79 6.39 13.06
CA ARG A 529 -7.34 5.20 13.85
C ARG A 529 -6.33 4.39 13.03
N THR A 530 -6.51 4.32 11.71
CA THR A 530 -5.59 3.65 10.74
C THR A 530 -5.49 4.48 9.45
N ALA A 536 2.54 6.55 1.51
CA ALA A 536 1.86 7.82 1.14
C ALA A 536 2.03 8.87 2.24
N THR A 537 2.19 10.14 1.84
CA THR A 537 2.20 11.33 2.74
C THR A 537 0.74 11.67 3.10
N HIS A 538 0.53 12.36 4.23
N HIS A 538 0.55 12.38 4.23
CA HIS A 538 -0.81 12.73 4.77
CA HIS A 538 -0.79 12.73 4.79
C HIS A 538 -0.80 14.20 5.21
C HIS A 538 -0.78 14.20 5.22
N GLU A 539 -0.61 15.12 4.27
CA GLU A 539 -0.45 16.57 4.55
C GLU A 539 -1.79 17.20 4.94
N TRP A 540 -2.91 16.55 4.57
CA TRP A 540 -4.26 17.04 4.91
C TRP A 540 -4.49 16.91 6.42
N MET A 541 -3.74 16.02 7.09
CA MET A 541 -3.82 15.82 8.56
C MET A 541 -3.12 16.99 9.25
N THR A 542 -3.91 17.98 9.70
CA THR A 542 -3.46 19.26 10.31
C THR A 542 -4.67 20.16 10.59
N THR A 543 -4.46 21.23 11.37
CA THR A 543 -5.49 22.25 11.71
C THR A 543 -5.21 23.57 10.98
N GLU A 544 -4.06 23.71 10.31
CA GLU A 544 -3.73 24.92 9.52
C GLU A 544 -4.77 25.14 8.40
N ASP A 545 -4.91 26.40 7.98
CA ASP A 545 -5.65 26.81 6.76
C ASP A 545 -5.37 25.81 5.64
N MET A 546 -6.40 25.31 4.95
CA MET A 546 -6.21 24.34 3.83
C MET A 546 -5.61 25.07 2.62
N LEU A 547 -5.93 26.36 2.41
CA LEU A 547 -5.32 27.16 1.32
C LEU A 547 -3.81 27.26 1.54
N THR A 548 -3.36 27.45 2.79
CA THR A 548 -1.89 27.55 3.08
C THR A 548 -1.23 26.21 2.75
N VAL A 549 -1.83 25.11 3.16
CA VAL A 549 -1.29 23.77 2.85
C VAL A 549 -1.34 23.53 1.34
N TRP A 550 -2.43 23.92 0.65
CA TRP A 550 -2.51 23.74 -0.83
C TRP A 550 -1.31 24.44 -1.49
N ASN A 551 -1.10 25.72 -1.17
CA ASN A 551 -0.03 26.55 -1.77
C ASN A 551 1.34 25.89 -1.52
N ARG A 552 1.55 25.33 -0.32
CA ARG A 552 2.83 24.67 0.03
C ARG A 552 3.01 23.47 -0.91
N VAL A 553 2.03 22.55 -0.90
CA VAL A 553 2.08 21.23 -1.62
C VAL A 553 2.18 21.43 -3.14
N TRP A 554 1.31 22.25 -3.73
CA TRP A 554 1.17 22.33 -5.20
C TRP A 554 2.08 23.40 -5.77
N ILE A 555 2.54 24.40 -4.98
CA ILE A 555 3.35 25.52 -5.53
C ILE A 555 4.76 25.47 -4.92
N GLN A 556 4.91 25.73 -3.61
CA GLN A 556 6.21 25.90 -2.88
C GLN A 556 7.08 24.66 -3.04
N GLU A 557 6.63 23.50 -2.55
CA GLU A 557 7.44 22.24 -2.47
C GLU A 557 7.53 21.59 -3.86
N ASN A 558 6.68 21.99 -4.80
CA ASN A 558 6.45 21.20 -6.05
C ASN A 558 7.60 21.40 -7.02
N PRO A 559 8.49 20.41 -7.23
CA PRO A 559 9.68 20.60 -8.05
C PRO A 559 9.33 20.78 -9.55
N TRP A 560 8.11 20.41 -9.94
CA TRP A 560 7.68 20.57 -11.36
C TRP A 560 7.07 21.96 -11.67
N MET A 561 6.95 22.88 -10.69
CA MET A 561 6.35 24.23 -10.81
C MET A 561 7.48 25.27 -10.66
N GLU A 562 7.90 25.91 -11.74
CA GLU A 562 9.04 26.88 -11.69
C GLU A 562 8.60 28.20 -11.03
N ASP A 563 7.45 28.75 -11.41
CA ASP A 563 6.92 30.03 -10.86
C ASP A 563 6.28 29.74 -9.50
N LYS A 564 6.78 30.37 -8.44
CA LYS A 564 6.38 30.12 -7.04
C LYS A 564 5.38 31.14 -6.53
N THR A 565 4.75 31.89 -7.43
CA THR A 565 3.75 32.95 -7.10
C THR A 565 2.56 32.29 -6.42
N PRO A 566 2.25 32.63 -5.14
CA PRO A 566 1.22 31.93 -4.39
C PRO A 566 -0.18 32.21 -4.94
N VAL A 567 -1.13 31.35 -4.58
CA VAL A 567 -2.59 31.54 -4.82
C VAL A 567 -3.21 32.17 -3.56
N GLU A 568 -4.06 33.17 -3.72
CA GLU A 568 -4.63 34.02 -2.63
C GLU A 568 -6.15 33.80 -2.53
N SER A 569 -6.69 32.81 -3.26
CA SER A 569 -8.14 32.47 -3.24
C SER A 569 -8.39 31.14 -3.93
N TRP A 570 -9.29 30.35 -3.37
CA TRP A 570 -9.67 29.03 -3.93
C TRP A 570 -10.20 29.20 -5.37
N GLU A 571 -10.82 30.32 -5.71
CA GLU A 571 -11.37 30.55 -7.08
C GLU A 571 -10.25 30.64 -8.13
N GLU A 572 -8.99 30.83 -7.72
CA GLU A 572 -7.78 30.72 -8.59
C GLU A 572 -7.36 29.26 -8.82
N ILE A 573 -8.02 28.31 -8.15
CA ILE A 573 -7.70 26.86 -8.26
C ILE A 573 -8.72 26.22 -9.18
N PRO A 574 -8.31 25.68 -10.34
CA PRO A 574 -9.25 25.23 -11.37
C PRO A 574 -9.96 23.89 -11.08
N TYR A 575 -11.01 23.61 -11.84
CA TYR A 575 -11.65 22.28 -11.91
C TYR A 575 -11.31 21.60 -13.24
N LEU A 576 -11.53 20.28 -13.34
CA LEU A 576 -11.58 19.55 -14.64
C LEU A 576 -12.65 20.20 -15.49
N GLY A 577 -12.60 20.07 -16.81
CA GLY A 577 -13.75 20.42 -17.68
C GLY A 577 -15.04 19.78 -17.13
N LYS A 578 -16.18 20.43 -17.36
CA LYS A 578 -17.51 19.96 -16.89
C LYS A 578 -17.82 18.57 -17.43
N ARG A 579 -17.44 18.27 -18.68
CA ARG A 579 -17.71 16.95 -19.30
C ARG A 579 -16.79 15.90 -18.67
N GLU A 580 -15.50 16.21 -18.51
CA GLU A 580 -14.52 15.33 -17.84
C GLU A 580 -14.95 14.98 -16.41
N ASP A 581 -15.46 15.97 -15.67
CA ASP A 581 -15.93 15.77 -14.28
C ASP A 581 -17.06 14.75 -14.29
N GLN A 582 -17.99 14.87 -15.23
CA GLN A 582 -19.14 13.95 -15.38
C GLN A 582 -18.60 12.55 -15.73
N TRP A 583 -17.65 12.43 -16.67
CA TRP A 583 -17.03 11.15 -17.06
C TRP A 583 -16.42 10.43 -15.81
N CYS A 584 -15.83 11.21 -14.89
CA CYS A 584 -15.18 10.66 -13.70
C CYS A 584 -16.17 10.57 -12.53
N GLY A 585 -17.48 10.70 -12.79
CA GLY A 585 -18.59 10.31 -11.89
C GLY A 585 -19.30 11.47 -11.21
N SER A 586 -19.04 12.72 -11.56
CA SER A 586 -19.77 13.90 -11.00
C SER A 586 -21.28 13.76 -11.22
N LEU A 587 -22.05 14.30 -10.30
CA LEU A 587 -23.52 14.43 -10.42
C LEU A 587 -23.96 15.80 -10.95
N ILE A 588 -23.02 16.66 -11.38
CA ILE A 588 -23.39 17.98 -11.96
C ILE A 588 -24.38 17.72 -13.10
N GLY A 589 -25.48 18.49 -13.12
CA GLY A 589 -26.54 18.32 -14.12
C GLY A 589 -27.75 17.57 -13.56
N LEU A 590 -27.63 16.82 -12.46
CA LEU A 590 -28.79 16.15 -11.86
C LEU A 590 -29.55 17.14 -10.96
N THR A 591 -30.85 17.02 -10.95
CA THR A 591 -31.74 17.75 -10.03
C THR A 591 -31.40 17.45 -8.58
N SER A 592 -31.17 16.21 -8.20
CA SER A 592 -30.73 15.89 -6.81
C SER A 592 -29.49 16.76 -6.42
N ARG A 593 -28.53 16.93 -7.31
CA ARG A 593 -27.23 17.57 -6.98
C ARG A 593 -27.53 19.07 -6.86
N ALA A 594 -28.31 19.62 -7.76
CA ALA A 594 -28.66 21.07 -7.76
C ALA A 594 -29.39 21.43 -6.46
N THR A 595 -30.29 20.60 -5.98
CA THR A 595 -31.02 20.91 -4.74
C THR A 595 -30.06 20.83 -3.54
N TRP A 596 -29.19 19.84 -3.55
CA TRP A 596 -28.16 19.68 -2.50
C TRP A 596 -27.29 20.93 -2.45
N ALA A 597 -26.74 21.36 -3.59
CA ALA A 597 -25.85 22.54 -3.63
C ALA A 597 -26.59 23.80 -3.14
N LYS A 598 -27.79 24.04 -3.67
CA LYS A 598 -28.68 25.19 -3.33
C LYS A 598 -28.86 25.27 -1.81
N ASN A 599 -29.24 24.16 -1.21
CA ASN A 599 -29.75 24.06 0.19
C ASN A 599 -28.64 23.58 1.14
N ILE A 600 -27.37 23.71 0.77
CA ILE A 600 -26.24 23.12 1.57
C ILE A 600 -26.19 23.67 3.02
N GLN A 601 -26.54 24.94 3.23
N GLN A 601 -26.56 24.94 3.22
CA GLN A 601 -26.51 25.56 4.59
CA GLN A 601 -26.52 25.57 4.58
C GLN A 601 -27.49 24.85 5.54
C GLN A 601 -27.48 24.83 5.54
N THR A 602 -28.61 24.35 5.03
CA THR A 602 -29.58 23.55 5.82
C THR A 602 -28.95 22.23 6.27
N ALA A 603 -28.15 21.59 5.41
CA ALA A 603 -27.52 20.31 5.74
C ALA A 603 -26.43 20.58 6.76
N ILE A 604 -25.68 21.64 6.52
CA ILE A 604 -24.59 22.04 7.46
C ILE A 604 -25.22 22.26 8.84
N ASN A 605 -26.35 22.98 8.89
CA ASN A 605 -27.03 23.37 10.15
C ASN A 605 -27.62 22.12 10.83
N GLN A 606 -28.03 21.10 10.05
CA GLN A 606 -28.53 19.85 10.64
C GLN A 606 -27.41 19.21 11.47
N VAL A 607 -26.21 19.14 10.90
CA VAL A 607 -25.06 18.49 11.55
C VAL A 607 -24.58 19.37 12.72
N ARG A 608 -24.52 20.70 12.52
CA ARG A 608 -24.17 21.60 13.65
C ARG A 608 -25.13 21.38 14.82
N SER A 609 -26.42 21.32 14.58
CA SER A 609 -27.40 21.09 15.68
C SER A 609 -27.13 19.77 16.40
N LEU A 610 -26.70 18.71 15.70
CA LEU A 610 -26.48 17.40 16.37
C LEU A 610 -25.22 17.53 17.24
N ILE A 611 -24.17 18.17 16.75
CA ILE A 611 -22.88 18.27 17.49
C ILE A 611 -23.06 19.21 18.71
N GLY A 612 -23.82 20.28 18.51
CA GLY A 612 -24.23 21.25 19.56
C GLY A 612 -23.47 22.56 19.46
N ASN A 613 -23.68 23.43 20.46
CA ASN A 613 -23.11 24.80 20.53
C ASN A 613 -21.58 24.72 20.61
N GLU A 614 -20.91 25.11 19.52
CA GLU A 614 -19.46 24.96 19.30
C GLU A 614 -19.01 26.14 18.43
N GLU A 615 -17.70 26.33 18.24
CA GLU A 615 -17.15 27.38 17.35
C GLU A 615 -17.11 26.82 15.92
N TYR A 616 -17.94 27.36 15.03
CA TYR A 616 -18.07 26.94 13.61
C TYR A 616 -17.66 28.10 12.69
N THR A 617 -16.99 27.77 11.59
CA THR A 617 -16.54 28.70 10.52
C THR A 617 -17.15 28.24 9.19
N ASP A 618 -17.92 29.11 8.52
CA ASP A 618 -18.48 28.88 7.17
C ASP A 618 -17.31 28.89 6.17
N TYR A 619 -17.17 27.83 5.36
CA TYR A 619 -16.16 27.72 4.28
C TYR A 619 -16.85 27.65 2.90
N MET A 620 -18.15 27.95 2.83
CA MET A 620 -18.92 27.98 1.55
C MET A 620 -18.63 29.29 0.80
N PRO A 621 -18.54 30.47 1.45
CA PRO A 621 -18.20 31.72 0.75
C PRO A 621 -16.92 31.70 -0.10
N SER A 622 -15.96 30.81 0.22
CA SER A 622 -14.72 30.57 -0.57
C SER A 622 -15.09 30.27 -2.03
N MET A 623 -16.16 29.50 -2.24
CA MET A 623 -16.69 29.13 -3.58
C MET A 623 -17.45 30.33 -4.18
N LYS A 624 -17.26 30.57 -5.47
CA LYS A 624 -17.90 31.70 -6.23
C LYS A 624 -19.43 31.78 -6.03
N ARG A 625 -20.15 30.67 -6.12
CA ARG A 625 -21.65 30.65 -6.13
C ARG A 625 -22.25 31.02 -4.75
N PHE A 626 -21.49 30.92 -3.64
CA PHE A 626 -21.96 31.26 -2.25
C PHE A 626 -21.35 32.61 -1.86
N ARG A 627 -20.63 33.24 -2.78
CA ARG A 627 -19.98 34.55 -2.58
C ARG A 627 -20.91 35.63 -3.16
N ARG A 628 -22.07 35.87 -2.52
CA ARG A 628 -22.93 37.08 -2.68
C ARG A 628 -23.26 37.35 -4.17
#